data_7C85
#
_entry.id   7C85
#
_cell.length_a   79.810
_cell.length_b   79.810
_cell.length_c   60.820
_cell.angle_alpha   90.000
_cell.angle_beta   90.000
_cell.angle_gamma   90.000
#
_symmetry.space_group_name_H-M   'P 42 21 2'
#
loop_
_entity.id
_entity.type
_entity.pdbx_description
1 polymer 'SGNH-hydrolase family esterase'
2 non-polymer 'CADMIUM ION'
3 non-polymer 'ACETATE ION'
4 water water
#
_entity_poly.entity_id   1
_entity_poly.type   'polypeptide(L)'
_entity_poly.pdbx_seq_one_letter_code
;SMGESRVILAFGDALFAGYGLDKGESYPAKLETALRSHGINARIINAGVSGDTTAAGLQRIKFVLDSQPDKPELAIVELG
GNDLLRGLSPAEARQNLSGILEELQRRKIPILLMGMRAPPNLGAKYQREFDGIYPYLAEKYDAKLVPFFLEAVADRPDLI
QKDHVHPTARGVEELVSATSNAVAKALPAKK
;
_entity_poly.pdbx_strand_id   A
#
loop_
_chem_comp.id
_chem_comp.type
_chem_comp.name
_chem_comp.formula
ACT non-polymer 'ACETATE ION' 'C2 H3 O2 -1'
CD non-polymer 'CADMIUM ION' 'Cd 2'
#
# COMPACT_ATOMS: atom_id res chain seq x y z
N SER A 1 30.85 -3.11 10.85
CA SER A 1 30.51 -1.72 11.25
C SER A 1 30.43 -1.70 12.76
N MET A 2 30.68 -0.52 13.32
CA MET A 2 30.43 -0.24 14.75
C MET A 2 28.99 0.30 14.92
N GLY A 3 28.34 -0.07 16.01
CA GLY A 3 27.16 0.65 16.52
C GLY A 3 25.84 -0.04 16.24
N GLU A 4 24.83 0.43 16.95
CA GLU A 4 23.45 -0.09 16.79
C GLU A 4 22.88 0.26 15.40
N SER A 5 21.87 -0.51 15.03
CA SER A 5 21.22 -0.35 13.73
C SER A 5 20.40 0.95 13.69
N ARG A 6 20.24 1.49 12.46
CA ARG A 6 19.33 2.59 12.09
C ARG A 6 17.89 2.07 12.05
N VAL A 7 16.99 2.74 12.72
CA VAL A 7 15.60 2.27 12.84
C VAL A 7 14.71 2.95 11.80
N ILE A 8 14.07 2.14 11.00
CA ILE A 8 13.11 2.61 9.95
C ILE A 8 11.74 2.00 10.21
N LEU A 9 10.69 2.82 10.15
CA LEU A 9 9.32 2.30 10.26
C LEU A 9 8.75 2.12 8.87
N ALA A 10 8.38 0.90 8.54
CA ALA A 10 7.63 0.57 7.30
C ALA A 10 6.13 0.47 7.67
N PHE A 11 5.40 1.55 7.46
CA PHE A 11 3.97 1.70 7.83
C PHE A 11 3.12 1.55 6.57
N GLY A 12 2.45 0.41 6.45
CA GLY A 12 1.75 0.10 5.21
C GLY A 12 0.76 -1.04 5.31
N ASP A 13 0.44 -1.60 4.16
CA ASP A 13 -0.64 -2.58 4.01
C ASP A 13 -0.04 -3.93 3.59
N ALA A 14 -0.75 -4.74 2.81
CA ALA A 14 -0.30 -6.07 2.38
C ALA A 14 1.05 -5.98 1.67
N LEU A 15 1.31 -4.88 0.96
CA LEU A 15 2.58 -4.76 0.16
C LEU A 15 3.77 -4.71 1.13
N PHE A 16 3.58 -4.23 2.37
CA PHE A 16 4.65 -4.29 3.39
C PHE A 16 4.55 -5.55 4.24
N ALA A 17 3.35 -6.01 4.53
CA ALA A 17 3.16 -7.18 5.43
C ALA A 17 3.75 -8.46 4.82
N GLY A 18 3.88 -8.52 3.51
CA GLY A 18 4.43 -9.71 2.81
C GLY A 18 3.35 -10.76 2.63
N TYR A 19 2.14 -10.30 2.33
CA TYR A 19 0.98 -11.16 2.07
C TYR A 19 1.38 -12.16 0.98
N GLY A 20 1.22 -13.46 1.24
CA GLY A 20 1.44 -14.51 0.21
C GLY A 20 2.88 -14.96 0.13
N LEU A 21 3.77 -14.39 0.95
CA LEU A 21 5.21 -14.66 0.88
C LEU A 21 5.70 -15.39 2.13
N ASP A 22 6.81 -16.06 1.98
CA ASP A 22 7.50 -16.77 3.07
C ASP A 22 8.28 -15.77 3.96
N LYS A 23 8.64 -16.25 5.15
CA LYS A 23 9.47 -15.50 6.11
C LYS A 23 10.69 -14.93 5.38
N GLY A 24 10.92 -13.64 5.56
CA GLY A 24 12.13 -12.98 5.03
C GLY A 24 11.98 -12.51 3.59
N GLU A 25 10.84 -12.74 2.93
CA GLU A 25 10.63 -12.37 1.49
C GLU A 25 9.88 -11.04 1.36
N SER A 26 9.37 -10.52 2.50
CA SER A 26 8.60 -9.25 2.43
C SER A 26 9.48 -8.11 1.91
N TYR A 27 8.83 -7.06 1.42
CA TYR A 27 9.55 -5.83 1.00
C TYR A 27 10.39 -5.28 2.16
N PRO A 28 9.85 -5.09 3.38
CA PRO A 28 10.71 -4.56 4.46
C PRO A 28 11.94 -5.43 4.74
N ALA A 29 11.74 -6.75 4.79
CA ALA A 29 12.85 -7.70 5.07
C ALA A 29 13.91 -7.57 3.97
N LYS A 30 13.53 -7.56 2.69
CA LYS A 30 14.51 -7.52 1.58
C LYS A 30 15.12 -6.13 1.52
N LEU A 31 14.35 -5.08 1.81
CA LEU A 31 14.90 -3.70 1.86
C LEU A 31 15.99 -3.64 2.92
N GLU A 32 15.76 -4.27 4.09
CA GLU A 32 16.77 -4.28 5.18
C GLU A 32 18.10 -4.85 4.64
N THR A 33 18.04 -5.95 3.90
CA THR A 33 19.26 -6.57 3.34
C THR A 33 19.87 -5.60 2.33
N ALA A 34 19.06 -5.08 1.41
CA ALA A 34 19.57 -4.21 0.34
C ALA A 34 20.27 -2.98 0.92
N LEU A 35 19.80 -2.42 2.02
CA LEU A 35 20.47 -1.19 2.53
C LEU A 35 21.90 -1.49 3.00
N ARG A 36 22.25 -2.74 3.34
CA ARG A 36 23.67 -3.07 3.65
C ARG A 36 24.56 -2.66 2.49
N SER A 37 24.06 -2.74 1.26
CA SER A 37 24.83 -2.36 0.06
C SER A 37 24.96 -0.86 -0.08
N HIS A 38 24.24 -0.09 0.73
CA HIS A 38 24.41 1.39 0.80
C HIS A 38 25.22 1.76 2.03
N GLY A 39 25.85 0.78 2.67
CA GLY A 39 26.63 1.03 3.88
C GLY A 39 25.76 1.28 5.10
N ILE A 40 24.52 0.81 5.12
CA ILE A 40 23.55 1.11 6.22
C ILE A 40 23.16 -0.21 6.87
N ASN A 41 23.29 -0.32 8.19
CA ASN A 41 22.72 -1.46 8.96
C ASN A 41 21.41 -0.94 9.54
N ALA A 42 20.29 -1.41 9.02
CA ALA A 42 18.97 -0.93 9.40
C ALA A 42 18.21 -2.04 10.10
N ARG A 43 17.39 -1.65 11.04
CA ARG A 43 16.36 -2.53 11.57
C ARG A 43 15.05 -1.89 11.09
N ILE A 44 14.38 -2.57 10.19
CA ILE A 44 13.09 -2.10 9.64
C ILE A 44 11.96 -2.76 10.41
N ILE A 45 11.18 -1.91 11.09
CA ILE A 45 9.96 -2.32 11.81
C ILE A 45 8.89 -2.59 10.77
N ASN A 46 8.45 -3.83 10.65
CA ASN A 46 7.37 -4.17 9.73
C ASN A 46 6.05 -3.84 10.40
N ALA A 47 5.49 -2.68 10.08
CA ALA A 47 4.13 -2.28 10.52
C ALA A 47 3.19 -2.33 9.32
N GLY A 48 3.41 -3.30 8.42
CA GLY A 48 2.42 -3.64 7.39
C GLY A 48 1.25 -4.38 7.97
N VAL A 49 0.02 -3.98 7.61
CA VAL A 49 -1.18 -4.72 8.01
C VAL A 49 -1.99 -4.96 6.75
N SER A 50 -2.19 -6.22 6.42
CA SER A 50 -2.92 -6.57 5.18
C SER A 50 -4.36 -6.04 5.30
N GLY A 51 -4.84 -5.38 4.25
CA GLY A 51 -6.20 -4.80 4.18
C GLY A 51 -6.36 -3.44 4.83
N ASP A 52 -5.31 -2.83 5.41
CA ASP A 52 -5.44 -1.50 6.01
C ASP A 52 -5.79 -0.45 4.93
N THR A 53 -6.86 0.27 5.17
CA THR A 53 -7.19 1.54 4.49
C THR A 53 -6.36 2.69 5.06
N THR A 54 -6.44 3.85 4.44
CA THR A 54 -5.87 5.08 5.04
C THR A 54 -6.53 5.34 6.40
N ALA A 55 -7.85 5.08 6.55
CA ALA A 55 -8.50 5.34 7.84
C ALA A 55 -7.96 4.40 8.92
N ALA A 56 -7.75 3.13 8.57
CA ALA A 56 -7.20 2.13 9.50
C ALA A 56 -5.78 2.56 9.91
N GLY A 57 -4.98 3.08 8.96
CA GLY A 57 -3.60 3.54 9.28
C GLY A 57 -3.66 4.71 10.23
N LEU A 58 -4.58 5.67 9.96
CA LEU A 58 -4.74 6.82 10.85
C LEU A 58 -5.12 6.35 12.26
N GLN A 59 -5.95 5.33 12.35
CA GLN A 59 -6.46 4.85 13.64
C GLN A 59 -5.32 4.29 14.49
N ARG A 60 -4.26 3.78 13.86
CA ARG A 60 -3.21 3.06 14.64
C ARG A 60 -1.86 3.79 14.65
N ILE A 61 -1.69 4.85 13.87
CA ILE A 61 -0.31 5.45 13.77
C ILE A 61 0.27 5.86 15.16
N LYS A 62 -0.50 6.50 16.02
N LYS A 62 -0.51 6.51 16.02
CA LYS A 62 -0.01 6.88 17.37
CA LYS A 62 -0.05 6.89 17.37
C LYS A 62 0.37 5.61 18.17
C LYS A 62 0.36 5.64 18.17
N PHE A 63 -0.49 4.61 18.18
CA PHE A 63 -0.21 3.35 18.91
C PHE A 63 1.07 2.74 18.40
N VAL A 64 1.25 2.72 17.08
CA VAL A 64 2.46 2.07 16.51
C VAL A 64 3.70 2.86 16.95
N LEU A 65 3.63 4.17 16.88
CA LEU A 65 4.80 4.98 17.27
C LEU A 65 5.06 4.84 18.78
N ASP A 66 4.01 4.86 19.59
CA ASP A 66 4.16 4.79 21.07
C ASP A 66 4.62 3.39 21.54
N SER A 67 4.45 2.38 20.71
CA SER A 67 4.87 0.99 20.97
C SER A 67 6.36 0.78 20.67
N GLN A 68 7.05 1.71 20.02
CA GLN A 68 8.46 1.49 19.61
C GLN A 68 9.44 1.74 20.75
N PRO A 69 10.33 0.79 21.06
CA PRO A 69 11.41 1.04 22.02
C PRO A 69 12.40 2.12 21.52
N ASP A 70 12.60 2.18 20.22
CA ASP A 70 13.54 3.13 19.60
C ASP A 70 12.77 3.96 18.60
N LYS A 71 12.88 5.29 18.70
CA LYS A 71 12.11 6.20 17.80
C LYS A 71 12.58 5.98 16.39
N PRO A 72 11.66 5.82 15.42
CA PRO A 72 12.08 5.74 14.03
C PRO A 72 12.88 6.97 13.58
N GLU A 73 13.92 6.69 12.80
CA GLU A 73 14.75 7.72 12.15
C GLU A 73 14.22 8.06 10.75
N LEU A 74 13.30 7.23 10.23
CA LEU A 74 12.62 7.47 8.94
C LEU A 74 11.33 6.65 9.02
N ALA A 75 10.24 7.19 8.52
CA ALA A 75 8.99 6.46 8.39
C ALA A 75 8.63 6.40 6.91
N ILE A 76 8.43 5.18 6.43
CA ILE A 76 8.03 4.94 5.03
C ILE A 76 6.53 4.66 5.07
N VAL A 77 5.74 5.51 4.41
CA VAL A 77 4.26 5.39 4.48
C VAL A 77 3.72 4.90 3.14
N GLU A 78 3.01 3.76 3.16
CA GLU A 78 2.53 3.09 1.95
C GLU A 78 1.08 2.67 2.17
N LEU A 79 0.14 3.56 1.90
CA LEU A 79 -1.28 3.28 2.12
C LEU A 79 -2.10 3.99 1.01
N GLY A 80 -3.28 3.44 0.80
CA GLY A 80 -4.26 4.00 -0.16
C GLY A 80 -4.71 2.95 -1.15
N GLY A 81 -3.92 1.90 -1.35
CA GLY A 81 -4.33 0.80 -2.24
C GLY A 81 -5.66 0.20 -1.85
N ASN A 82 -5.92 0.01 -0.57
CA ASN A 82 -7.18 -0.64 -0.14
C ASN A 82 -8.34 0.36 -0.31
N ASP A 83 -8.09 1.66 -0.15
CA ASP A 83 -9.13 2.68 -0.45
C ASP A 83 -9.54 2.52 -1.92
N LEU A 84 -8.56 2.41 -2.81
CA LEU A 84 -8.74 2.17 -4.29
C LEU A 84 -9.60 0.93 -4.51
N LEU A 85 -9.23 -0.16 -3.88
CA LEU A 85 -9.91 -1.48 -4.05
C LEU A 85 -11.35 -1.38 -3.55
N ARG A 86 -11.64 -0.51 -2.60
CA ARG A 86 -13.03 -0.32 -2.12
C ARG A 86 -13.72 0.84 -2.87
N GLY A 87 -13.06 1.53 -3.79
CA GLY A 87 -13.68 2.66 -4.54
C GLY A 87 -14.00 3.83 -3.62
N LEU A 88 -13.23 3.98 -2.55
CA LEU A 88 -13.49 5.03 -1.55
C LEU A 88 -13.01 6.39 -2.06
N SER A 89 -13.64 7.43 -1.51
CA SER A 89 -13.35 8.84 -1.87
C SER A 89 -11.84 9.08 -1.85
N PRO A 90 -11.27 9.61 -2.95
CA PRO A 90 -9.88 10.09 -2.91
C PRO A 90 -9.67 11.24 -1.93
N ALA A 91 -10.66 12.12 -1.81
CA ALA A 91 -10.56 13.30 -0.91
C ALA A 91 -10.39 12.78 0.54
N GLU A 92 -11.18 11.78 0.92
CA GLU A 92 -11.10 11.23 2.31
C GLU A 92 -9.77 10.50 2.48
N ALA A 93 -9.26 9.83 1.44
CA ALA A 93 -7.95 9.16 1.58
C ALA A 93 -6.85 10.21 1.82
N ARG A 94 -6.94 11.33 1.09
CA ARG A 94 -5.98 12.44 1.26
C ARG A 94 -6.03 12.96 2.70
N GLN A 95 -7.23 13.13 3.25
CA GLN A 95 -7.43 13.69 4.60
C GLN A 95 -6.84 12.68 5.61
N ASN A 96 -7.08 11.40 5.39
CA ASN A 96 -6.58 10.35 6.32
C ASN A 96 -5.04 10.30 6.30
N LEU A 97 -4.47 10.31 5.12
CA LEU A 97 -2.99 10.31 4.96
C LEU A 97 -2.44 11.59 5.57
N SER A 98 -3.13 12.73 5.38
CA SER A 98 -2.66 14.00 6.01
C SER A 98 -2.55 13.79 7.51
N GLY A 99 -3.54 13.14 8.14
CA GLY A 99 -3.48 12.92 9.59
C GLY A 99 -2.29 12.07 9.99
N ILE A 100 -1.95 11.07 9.21
CA ILE A 100 -0.80 10.19 9.49
C ILE A 100 0.47 11.04 9.38
N LEU A 101 0.61 11.78 8.30
CA LEU A 101 1.86 12.57 8.09
C LEU A 101 1.98 13.65 9.16
N GLU A 102 0.86 14.27 9.59
N GLU A 102 0.86 14.26 9.60
CA GLU A 102 0.88 15.30 10.64
CA GLU A 102 0.91 15.29 10.68
C GLU A 102 1.44 14.71 11.95
C GLU A 102 1.46 14.70 11.96
N GLU A 103 1.04 13.48 12.29
CA GLU A 103 1.53 12.82 13.52
C GLU A 103 3.05 12.56 13.41
N LEU A 104 3.53 12.09 12.26
CA LEU A 104 5.00 11.91 12.06
C LEU A 104 5.73 13.24 12.14
N GLN A 105 5.20 14.26 11.47
CA GLN A 105 5.83 15.59 11.46
C GLN A 105 5.88 16.19 12.86
N ARG A 106 4.82 16.00 13.65
N ARG A 106 4.81 16.03 13.64
CA ARG A 106 4.75 16.47 15.05
CA ARG A 106 4.78 16.49 15.06
C ARG A 106 5.90 15.87 15.88
C ARG A 106 5.98 15.91 15.82
N ARG A 107 6.31 14.64 15.56
CA ARG A 107 7.40 13.94 16.27
C ARG A 107 8.75 14.15 15.58
N LYS A 108 8.80 14.95 14.51
CA LYS A 108 10.04 15.26 13.78
C LYS A 108 10.63 13.97 13.20
N ILE A 109 9.78 13.04 12.76
CA ILE A 109 10.23 11.82 12.05
C ILE A 109 10.20 12.07 10.54
N PRO A 110 11.35 11.97 9.83
CA PRO A 110 11.38 12.18 8.39
C PRO A 110 10.45 11.17 7.71
N ILE A 111 9.94 11.57 6.55
CA ILE A 111 8.91 10.81 5.80
C ILE A 111 9.37 10.52 4.38
N LEU A 112 9.18 9.28 4.00
CA LEU A 112 9.21 8.83 2.58
C LEU A 112 7.82 8.28 2.25
N LEU A 113 7.15 8.92 1.30
CA LEU A 113 5.78 8.56 0.88
C LEU A 113 5.86 7.71 -0.37
N MET A 114 5.27 6.52 -0.32
CA MET A 114 5.18 5.60 -1.48
C MET A 114 3.90 5.90 -2.28
N GLY A 115 4.08 6.45 -3.48
CA GLY A 115 2.95 6.83 -4.33
C GLY A 115 2.19 5.62 -4.85
N MET A 116 0.87 5.69 -4.77
CA MET A 116 -0.02 4.64 -5.29
C MET A 116 -0.70 5.20 -6.53
N ARG A 117 -1.02 4.34 -7.47
CA ARG A 117 -1.71 4.74 -8.73
C ARG A 117 -2.99 3.93 -8.90
N ALA A 118 -4.02 4.56 -9.42
CA ALA A 118 -5.30 3.88 -9.65
C ALA A 118 -5.31 3.22 -11.01
N PRO A 119 -5.90 2.02 -11.12
CA PRO A 119 -6.07 1.37 -12.41
C PRO A 119 -7.25 2.03 -13.14
N PRO A 120 -7.35 1.80 -14.46
CA PRO A 120 -8.38 2.43 -15.27
C PRO A 120 -9.84 2.05 -14.94
N ASN A 121 -10.05 0.94 -14.23
N ASN A 121 -10.03 0.92 -14.25
CA ASN A 121 -11.42 0.41 -14.00
CA ASN A 121 -11.37 0.37 -13.90
C ASN A 121 -12.23 1.37 -13.13
C ASN A 121 -12.22 1.45 -13.22
N LEU A 122 -11.59 2.33 -12.42
CA LEU A 122 -12.33 3.34 -11.61
C LEU A 122 -12.72 4.56 -12.47
N GLY A 123 -12.22 4.62 -13.70
CA GLY A 123 -12.49 5.70 -14.65
C GLY A 123 -11.53 6.87 -14.48
N ALA A 124 -11.44 7.73 -15.49
CA ALA A 124 -10.37 8.73 -15.56
C ALA A 124 -10.56 9.79 -14.47
N LYS A 125 -11.81 10.16 -14.17
CA LYS A 125 -12.06 11.20 -13.17
C LYS A 125 -11.51 10.76 -11.80
N TYR A 126 -11.93 9.58 -11.37
CA TYR A 126 -11.43 8.99 -10.10
C TYR A 126 -9.91 8.82 -10.15
N GLN A 127 -9.41 8.23 -11.24
CA GLN A 127 -7.94 7.95 -11.37
C GLN A 127 -7.12 9.23 -11.25
N ARG A 128 -7.53 10.30 -11.90
CA ARG A 128 -6.73 11.54 -11.84
C ARG A 128 -6.76 12.08 -10.41
N GLU A 129 -7.92 12.05 -9.77
CA GLU A 129 -8.07 12.61 -8.40
C GLU A 129 -7.21 11.79 -7.44
N PHE A 130 -7.35 10.46 -7.50
CA PHE A 130 -6.59 9.59 -6.57
C PHE A 130 -5.08 9.78 -6.79
N ASP A 131 -4.61 9.73 -8.04
CA ASP A 131 -3.16 9.75 -8.31
C ASP A 131 -2.57 11.07 -7.77
N GLY A 132 -3.34 12.15 -7.83
CA GLY A 132 -2.85 13.49 -7.48
C GLY A 132 -2.67 13.67 -5.98
N ILE A 133 -3.18 12.78 -5.15
CA ILE A 133 -3.10 13.03 -3.70
C ILE A 133 -1.67 12.89 -3.22
N TYR A 134 -0.86 12.02 -3.83
CA TYR A 134 0.48 11.72 -3.29
C TYR A 134 1.43 12.90 -3.51
N PRO A 135 1.56 13.49 -4.73
CA PRO A 135 2.46 14.63 -4.86
C PRO A 135 1.99 15.81 -3.99
N TYR A 136 0.67 15.99 -3.84
CA TYR A 136 0.08 17.04 -2.99
C TYR A 136 0.61 16.86 -1.57
N LEU A 137 0.44 15.66 -1.04
CA LEU A 137 0.85 15.38 0.35
C LEU A 137 2.36 15.55 0.51
N ALA A 138 3.16 15.09 -0.46
CA ALA A 138 4.64 15.13 -0.33
C ALA A 138 5.07 16.57 -0.25
N GLU A 139 4.44 17.44 -1.04
CA GLU A 139 4.82 18.87 -1.03
C GLU A 139 4.36 19.47 0.29
N LYS A 140 3.09 19.24 0.65
CA LYS A 140 2.53 19.83 1.90
C LYS A 140 3.38 19.48 3.13
N TYR A 141 3.84 18.24 3.27
CA TYR A 141 4.48 17.72 4.51
C TYR A 141 5.99 17.60 4.36
N ASP A 142 6.54 18.17 3.29
CA ASP A 142 8.01 18.17 3.00
C ASP A 142 8.51 16.73 3.07
N ALA A 143 7.80 15.81 2.43
CA ALA A 143 8.16 14.40 2.44
C ALA A 143 8.84 14.11 1.13
N LYS A 144 9.71 13.11 1.16
N LYS A 144 9.76 13.17 1.16
CA LYS A 144 10.28 12.52 -0.08
CA LYS A 144 10.22 12.60 -0.11
C LYS A 144 9.25 11.57 -0.70
C LYS A 144 9.09 11.74 -0.69
N LEU A 145 9.05 11.63 -2.01
CA LEU A 145 8.04 10.84 -2.74
C LEU A 145 8.72 9.87 -3.69
N VAL A 146 8.30 8.63 -3.64
CA VAL A 146 8.53 7.68 -4.75
C VAL A 146 7.25 7.74 -5.57
N PRO A 147 7.27 8.32 -6.78
CA PRO A 147 6.00 8.67 -7.44
C PRO A 147 5.08 7.45 -7.68
N PHE A 148 5.67 6.35 -8.11
CA PHE A 148 4.88 5.12 -8.44
C PHE A 148 5.59 3.92 -7.82
N PHE A 149 5.21 3.55 -6.62
CA PHE A 149 5.93 2.50 -5.88
C PHE A 149 6.01 1.18 -6.70
N LEU A 150 4.93 0.80 -7.36
CA LEU A 150 4.83 -0.49 -8.04
C LEU A 150 5.28 -0.39 -9.51
N GLU A 151 5.93 0.71 -9.89
CA GLU A 151 6.32 0.94 -11.29
C GLU A 151 7.16 -0.26 -11.77
N ALA A 152 8.07 -0.79 -10.96
CA ALA A 152 9.00 -1.84 -11.45
C ALA A 152 8.28 -3.16 -11.77
N VAL A 153 7.08 -3.40 -11.24
CA VAL A 153 6.31 -4.61 -11.59
C VAL A 153 5.11 -4.29 -12.50
N ALA A 154 4.90 -3.05 -12.90
CA ALA A 154 3.63 -2.63 -13.55
C ALA A 154 3.47 -3.39 -14.88
N ASP A 155 4.57 -3.71 -15.56
CA ASP A 155 4.51 -4.36 -16.90
C ASP A 155 5.01 -5.81 -16.76
N ARG A 156 4.96 -6.41 -15.55
CA ARG A 156 5.60 -7.70 -15.25
C ARG A 156 4.63 -8.63 -14.55
N PRO A 157 3.63 -9.18 -15.27
CA PRO A 157 2.63 -10.05 -14.64
C PRO A 157 3.28 -11.32 -14.10
N ASP A 158 4.44 -11.69 -14.65
CA ASP A 158 5.25 -12.83 -14.13
C ASP A 158 5.80 -12.57 -12.72
N LEU A 159 5.80 -11.31 -12.28
CA LEU A 159 6.30 -10.92 -10.93
C LEU A 159 5.16 -10.62 -9.96
N ILE A 160 3.92 -10.97 -10.34
CA ILE A 160 2.73 -10.68 -9.51
C ILE A 160 2.09 -12.03 -9.18
N GLN A 161 1.71 -12.19 -7.92
CA GLN A 161 1.05 -13.40 -7.43
C GLN A 161 -0.29 -13.57 -8.17
N LYS A 162 -0.71 -14.80 -8.35
CA LYS A 162 -2.07 -15.10 -8.86
C LYS A 162 -2.89 -15.14 -7.59
N ASP A 163 -3.88 -14.26 -7.41
CA ASP A 163 -4.68 -14.42 -6.16
C ASP A 163 -6.15 -14.19 -6.52
N HIS A 164 -6.63 -12.98 -6.28
CA HIS A 164 -8.02 -12.51 -6.61
C HIS A 164 -8.21 -12.52 -8.12
N VAL A 165 -9.30 -13.13 -8.55
CA VAL A 165 -9.58 -13.21 -10.01
C VAL A 165 -11.00 -12.69 -10.12
N HIS A 166 -11.22 -11.36 -10.22
CA HIS A 166 -12.57 -10.77 -10.38
C HIS A 166 -12.84 -10.52 -11.87
N PRO A 167 -13.78 -11.25 -12.48
CA PRO A 167 -14.07 -11.03 -13.92
C PRO A 167 -14.57 -9.63 -14.22
N THR A 168 -14.19 -9.15 -15.38
CA THR A 168 -14.80 -7.94 -15.99
C THR A 168 -16.24 -8.22 -16.36
N ALA A 169 -16.96 -7.21 -16.81
CA ALA A 169 -18.34 -7.42 -17.29
C ALA A 169 -18.33 -8.44 -18.44
N ARG A 170 -17.42 -8.31 -19.37
CA ARG A 170 -17.28 -9.28 -20.49
C ARG A 170 -16.85 -10.65 -19.95
N GLY A 171 -15.98 -10.70 -18.94
CA GLY A 171 -15.62 -12.00 -18.33
C GLY A 171 -16.86 -12.68 -17.71
N VAL A 172 -17.76 -11.90 -17.10
CA VAL A 172 -19.00 -12.44 -16.51
C VAL A 172 -19.82 -13.11 -17.63
N GLU A 173 -19.92 -12.42 -18.78
CA GLU A 173 -20.70 -12.95 -19.91
C GLU A 173 -20.11 -14.29 -20.32
N GLU A 174 -18.77 -14.40 -20.33
N GLU A 174 -18.77 -14.37 -20.33
CA GLU A 174 -18.11 -15.69 -20.67
CA GLU A 174 -18.06 -15.62 -20.65
C GLU A 174 -18.50 -16.77 -19.66
C GLU A 174 -18.46 -16.74 -19.67
N LEU A 175 -18.45 -16.47 -18.38
CA LEU A 175 -18.83 -17.42 -17.31
C LEU A 175 -20.30 -17.83 -17.48
N VAL A 176 -21.16 -16.87 -17.76
CA VAL A 176 -22.61 -17.20 -17.97
C VAL A 176 -22.75 -18.16 -19.17
N SER A 177 -22.09 -17.87 -20.29
N SER A 177 -22.07 -17.87 -20.28
CA SER A 177 -22.15 -18.75 -21.49
CA SER A 177 -22.11 -18.70 -21.51
C SER A 177 -21.69 -20.16 -21.12
C SER A 177 -21.65 -20.13 -21.19
N ALA A 178 -20.71 -20.29 -20.23
CA ALA A 178 -20.14 -21.58 -19.88
C ALA A 178 -21.01 -22.39 -18.89
N THR A 179 -21.83 -21.74 -18.07
CA THR A 179 -22.45 -22.35 -16.89
C THR A 179 -24.00 -22.32 -16.96
N SER A 180 -24.59 -21.58 -17.89
CA SER A 180 -26.06 -21.47 -17.93
C SER A 180 -26.69 -22.84 -18.14
N ASN A 181 -26.10 -23.69 -19.01
CA ASN A 181 -26.64 -25.07 -19.24
C ASN A 181 -26.77 -25.79 -17.89
N ALA A 182 -25.74 -25.73 -17.05
CA ALA A 182 -25.71 -26.44 -15.75
C ALA A 182 -26.78 -25.88 -14.83
N VAL A 183 -26.98 -24.57 -14.86
CA VAL A 183 -28.01 -23.94 -14.00
C VAL A 183 -29.39 -24.40 -14.49
N ALA A 184 -29.65 -24.33 -15.80
CA ALA A 184 -30.97 -24.67 -16.36
C ALA A 184 -31.28 -26.13 -16.03
N LYS A 185 -30.27 -27.00 -16.12
CA LYS A 185 -30.44 -28.45 -15.85
C LYS A 185 -30.73 -28.66 -14.35
N ALA A 186 -30.10 -27.90 -13.45
CA ALA A 186 -30.21 -28.11 -12.00
C ALA A 186 -31.59 -27.65 -11.51
N LEU A 187 -32.18 -26.68 -12.17
CA LEU A 187 -33.52 -26.16 -11.75
C LEU A 187 -34.58 -27.16 -12.15
N PRO A 188 -35.38 -27.67 -11.19
CA PRO A 188 -36.46 -28.58 -11.55
C PRO A 188 -37.44 -27.96 -12.59
N ALA A 189 -37.97 -28.76 -13.50
CA ALA A 189 -38.77 -28.24 -14.64
C ALA A 189 -40.09 -27.62 -14.17
CD CD B . -17.49 9.66 3.53
CD CD C . -22.34 -7.82 -23.74
CD CD D . 15.25 -7.20 10.64
CD CD E . -11.57 -11.07 -4.24
CD CD F . -28.53 -25.99 -23.50
CD CD G . 13.11 -16.70 -1.14
C ACT H . -3.17 -4.24 -1.73
O ACT H . -3.39 -4.81 -2.84
OXT ACT H . -3.30 -4.82 -0.62
CH3 ACT H . -2.68 -2.75 -1.76
#